data_7YB9
#
_entry.id   7YB9
#
_cell.length_a   49.672
_cell.length_b   91.895
_cell.length_c   123.073
_cell.angle_alpha   90.000
_cell.angle_beta   90.000
_cell.angle_gamma   90.000
#
_symmetry.space_group_name_H-M   'P 21 21 21'
#
loop_
_entity.id
_entity.type
_entity.pdbx_description
1 polymer 'Aspartyl/asparaginyl beta-hydroxylase'
2 polymer 'Coagulation factor X'
3 non-polymer 'MANGANESE (II) ION'
4 non-polymer '(2S)-2-HYDROXYPENTANEDIOIC ACID'
5 water water
#
loop_
_entity_poly.entity_id
_entity_poly.type
_entity_poly.pdbx_seq_one_letter_code
_entity_poly.pdbx_strand_id
1 'polypeptide(L)'
;KKPKLLNKFDKTIKAELDAAEKLRKRGKIEEAVNAFKELVRKYPQSPRARYGKAQCEDDLAEKRRSNEVLRGAIETYQEV
ASLPDVPADLLKLSLKRRSDRQQFLGHMRGSLLTLQRLVQLFPNDTSLKNDLGVGYLLIGDNDNAKKVYEEVLSVTPNDG
FAKVHYGFILKAQNKIAESIPYLKEGIESGDPGTDDGRFYFHLGDAMQRVGNKEAYKWYELGHKRGHFASVWQRSLYNVN
GLKAQPWWTPKETGYTELVKSLERNWKLIRDEGLAVMDKAKGLFLPEDENLREKGDWSQFTLWQQGRRNENACKGAPKTC
TLLEKFPETTGCRRGQIKYSIMHPGTHVWPHTGPTNCRLRMHLGLVIPKEGCKIRCANETKTWEEGKVLIFDDSFEHEVW
QDASSFRLIFIVDVWHPELTPQQRRSLPAI
;
A
2 'polypeptide(L)' DGDQSETSPSQNQGKCKDGLGEYTCTSLEGFEGKNSELF B
#
# COMPACT_ATOMS: atom_id res chain seq x y z
N LYS A 1 -2.08 21.60 -25.31
CA LYS A 1 -2.75 22.45 -26.27
C LYS A 1 -4.28 22.46 -26.05
N LYS A 2 -4.97 23.35 -26.78
CA LYS A 2 -6.42 23.54 -26.67
C LYS A 2 -7.19 22.30 -27.10
N PRO A 3 -7.74 21.52 -26.17
CA PRO A 3 -8.37 20.26 -26.56
C PRO A 3 -9.59 20.49 -27.44
N LYS A 4 -9.80 19.60 -28.40
CA LYS A 4 -10.88 19.72 -29.37
C LYS A 4 -11.98 18.76 -28.95
N LEU A 5 -13.04 19.31 -28.35
CA LEU A 5 -14.04 18.47 -27.73
C LEU A 5 -15.37 18.47 -28.44
N LEU A 6 -15.49 19.21 -29.55
CA LEU A 6 -16.77 19.39 -30.21
C LEU A 6 -16.73 18.79 -31.61
N ASN A 7 -17.56 17.78 -31.84
CA ASN A 7 -17.75 17.27 -33.19
C ASN A 7 -18.59 18.25 -34.00
N LYS A 8 -18.85 17.87 -35.25
CA LYS A 8 -19.50 18.79 -36.17
C LYS A 8 -20.86 19.23 -35.64
N PHE A 9 -21.68 18.29 -35.16
CA PHE A 9 -22.99 18.70 -34.66
C PHE A 9 -22.86 19.54 -33.38
N ASP A 10 -21.95 19.16 -32.48
CA ASP A 10 -21.85 19.89 -31.20
C ASP A 10 -21.46 21.34 -31.43
N LYS A 11 -20.71 21.63 -32.49
CA LYS A 11 -20.40 23.03 -32.77
C LYS A 11 -21.65 23.83 -33.08
N THR A 12 -22.69 23.20 -33.63
CA THR A 12 -23.90 23.93 -33.95
C THR A 12 -24.73 24.24 -32.72
N ILE A 13 -24.45 23.62 -31.58
CA ILE A 13 -25.14 23.91 -30.33
C ILE A 13 -24.16 24.40 -29.26
N LYS A 14 -22.99 24.84 -29.69
CA LYS A 14 -22.00 25.35 -28.76
C LYS A 14 -22.57 26.39 -27.79
N ALA A 15 -23.56 27.19 -28.20
CA ALA A 15 -24.11 28.18 -27.27
C ALA A 15 -24.73 27.52 -26.05
N GLU A 16 -25.66 26.58 -26.28
CA GLU A 16 -26.27 25.86 -25.17
C GLU A 16 -25.22 25.11 -24.35
N LEU A 17 -24.28 24.43 -25.02
CA LEU A 17 -23.26 23.67 -24.30
C LEU A 17 -22.41 24.58 -23.43
N ASP A 18 -22.07 25.77 -23.96
CA ASP A 18 -21.33 26.76 -23.18
C ASP A 18 -22.12 27.23 -21.99
N ALA A 19 -23.42 27.50 -22.17
CA ALA A 19 -24.21 28.01 -21.04
C ALA A 19 -24.23 27.00 -19.90
N ALA A 20 -24.47 25.73 -20.24
CA ALA A 20 -24.46 24.68 -19.22
C ALA A 20 -23.12 24.58 -18.54
N GLU A 21 -22.04 24.60 -19.33
CA GLU A 21 -20.71 24.48 -18.73
C GLU A 21 -20.45 25.67 -17.82
N LYS A 22 -20.94 26.86 -18.21
CA LYS A 22 -20.75 28.05 -17.37
C LYS A 22 -21.41 27.84 -16.01
N LEU A 23 -22.64 27.32 -16.01
CA LEU A 23 -23.29 27.03 -14.73
C LEU A 23 -22.43 26.09 -13.90
N ARG A 24 -21.80 25.11 -14.54
CA ARG A 24 -20.99 24.17 -13.75
C ARG A 24 -19.74 24.85 -13.17
N LYS A 25 -19.05 25.63 -14.00
CA LYS A 25 -17.83 26.29 -13.52
C LYS A 25 -18.13 27.30 -12.41
N ARG A 26 -19.32 27.90 -12.41
CA ARG A 26 -19.70 28.83 -11.36
C ARG A 26 -20.09 28.14 -10.07
N GLY A 27 -20.08 26.81 -10.03
CA GLY A 27 -20.42 26.06 -8.85
C GLY A 27 -21.90 25.76 -8.69
N LYS A 28 -22.73 26.21 -9.63
CA LYS A 28 -24.17 25.97 -9.55
C LYS A 28 -24.43 24.57 -10.11
N ILE A 29 -24.06 23.57 -9.29
CA ILE A 29 -23.97 22.20 -9.78
C ILE A 29 -25.35 21.63 -10.10
N GLU A 30 -26.34 21.92 -9.28
CA GLU A 30 -27.67 21.33 -9.54
C GLU A 30 -28.30 21.97 -10.77
N GLU A 31 -28.14 23.29 -10.92
CA GLU A 31 -28.58 23.93 -12.15
C GLU A 31 -27.85 23.35 -13.36
N ALA A 32 -26.54 23.13 -13.26
CA ALA A 32 -25.78 22.57 -14.36
C ALA A 32 -26.22 21.13 -14.68
N VAL A 33 -26.49 20.33 -13.66
CA VAL A 33 -26.99 18.98 -13.92
C VAL A 33 -28.28 19.05 -14.72
N ASN A 34 -29.21 19.92 -14.30
CA ASN A 34 -30.47 20.01 -15.01
C ASN A 34 -30.26 20.49 -16.44
N ALA A 35 -29.38 21.47 -16.64
CA ALA A 35 -29.12 21.98 -17.97
C ALA A 35 -28.55 20.90 -18.89
N PHE A 36 -27.58 20.14 -18.40
CA PHE A 36 -27.02 19.08 -19.24
C PHE A 36 -27.99 17.91 -19.42
N LYS A 37 -28.88 17.66 -18.45
CA LYS A 37 -29.88 16.62 -18.65
C LYS A 37 -30.87 17.05 -19.74
N GLU A 38 -31.22 18.34 -19.78
CA GLU A 38 -32.02 18.86 -20.88
C GLU A 38 -31.30 18.73 -22.21
N LEU A 39 -29.99 19.03 -22.24
CA LEU A 39 -29.28 18.92 -23.51
C LEU A 39 -29.19 17.47 -23.98
N VAL A 40 -29.00 16.54 -23.04
CA VAL A 40 -28.94 15.11 -23.38
C VAL A 40 -30.29 14.62 -23.86
N ARG A 41 -31.37 15.00 -23.19
CA ARG A 41 -32.71 14.68 -23.69
C ARG A 41 -32.90 15.22 -25.10
N LYS A 42 -32.50 16.45 -25.33
CA LYS A 42 -32.69 17.11 -26.61
C LYS A 42 -31.74 16.63 -27.71
N TYR A 43 -30.51 16.30 -27.36
CA TYR A 43 -29.44 15.95 -28.31
C TYR A 43 -28.85 14.66 -27.81
N PRO A 44 -29.59 13.55 -27.94
CA PRO A 44 -29.19 12.31 -27.28
C PRO A 44 -27.92 11.73 -27.81
N GLN A 45 -27.46 12.15 -28.98
CA GLN A 45 -26.19 11.64 -29.50
C GLN A 45 -25.02 12.54 -29.20
N SER A 46 -25.26 13.70 -28.52
CA SER A 46 -24.19 14.68 -28.29
C SER A 46 -23.16 14.16 -27.29
N PRO A 47 -21.90 13.99 -27.70
CA PRO A 47 -20.88 13.59 -26.71
C PRO A 47 -20.54 14.69 -25.73
N ARG A 48 -20.51 15.97 -26.18
CA ARG A 48 -20.17 17.03 -25.24
C ARG A 48 -21.28 17.23 -24.19
N ALA A 49 -22.54 17.09 -24.59
CA ALA A 49 -23.61 17.16 -23.60
C ALA A 49 -23.50 16.00 -22.61
N ARG A 50 -23.22 14.79 -23.11
CA ARG A 50 -23.08 13.64 -22.23
C ARG A 50 -21.90 13.81 -21.26
N TYR A 51 -20.78 14.33 -21.77
CA TYR A 51 -19.62 14.61 -20.93
C TYR A 51 -19.96 15.65 -19.88
N GLY A 52 -20.74 16.67 -20.24
CA GLY A 52 -21.13 17.64 -19.23
C GLY A 52 -21.93 16.99 -18.12
N LYS A 53 -22.89 16.14 -18.48
CA LYS A 53 -23.65 15.41 -17.47
C LYS A 53 -22.73 14.66 -16.53
N ALA A 54 -21.73 13.99 -17.07
CA ALA A 54 -20.77 13.24 -16.25
C ALA A 54 -19.93 14.13 -15.37
N GLN A 55 -19.43 15.24 -15.91
CA GLN A 55 -18.60 16.13 -15.12
C GLN A 55 -19.39 16.76 -13.98
N CYS A 56 -20.66 17.03 -14.23
CA CYS A 56 -21.54 17.56 -13.19
C CYS A 56 -21.78 16.54 -12.09
N GLU A 57 -22.03 15.28 -12.45
CA GLU A 57 -22.16 14.24 -11.45
C GLU A 57 -20.89 14.10 -10.64
N ASP A 58 -19.74 14.22 -11.29
CA ASP A 58 -18.44 14.12 -10.64
C ASP A 58 -18.25 15.23 -9.61
N ASP A 59 -18.49 16.47 -10.04
CA ASP A 59 -18.43 17.60 -9.12
C ASP A 59 -19.42 17.41 -7.98
N LEU A 60 -20.57 16.82 -8.26
CA LEU A 60 -21.60 16.62 -7.24
C LEU A 60 -21.16 15.58 -6.22
N ALA A 61 -20.48 14.54 -6.68
CA ALA A 61 -19.97 13.54 -5.75
C ALA A 61 -18.94 14.16 -4.84
N GLU A 62 -18.08 15.03 -5.41
CA GLU A 62 -17.10 15.74 -4.60
C GLU A 62 -17.78 16.60 -3.53
N LYS A 63 -18.79 17.38 -3.94
CA LYS A 63 -19.45 18.27 -3.00
C LYS A 63 -20.17 17.47 -1.90
N ARG A 64 -20.83 16.38 -2.28
CA ARG A 64 -21.51 15.54 -1.31
C ARG A 64 -20.61 14.49 -0.69
N ARG A 65 -19.38 14.33 -1.19
CA ARG A 65 -18.49 13.24 -0.78
C ARG A 65 -19.24 11.91 -0.79
N SER A 66 -19.94 11.65 -1.89
CA SER A 66 -20.80 10.48 -2.03
C SER A 66 -20.21 9.54 -3.08
N ASN A 67 -19.90 8.32 -2.64
CA ASN A 67 -19.45 7.29 -3.58
C ASN A 67 -20.56 6.93 -4.55
N GLU A 68 -21.80 6.92 -4.08
CA GLU A 68 -22.95 6.60 -4.95
C GLU A 68 -23.04 7.51 -6.16
N VAL A 69 -23.00 8.82 -5.92
CA VAL A 69 -23.03 9.81 -6.99
C VAL A 69 -21.85 9.58 -7.94
N LEU A 70 -20.67 9.24 -7.40
CA LEU A 70 -19.50 9.05 -8.24
C LEU A 70 -19.65 7.81 -9.14
N ARG A 71 -20.28 6.73 -8.62
CA ARG A 71 -20.57 5.58 -9.49
C ARG A 71 -21.49 5.97 -10.65
N GLY A 72 -22.45 6.86 -10.39
CA GLY A 72 -23.25 7.39 -11.49
C GLY A 72 -22.40 8.09 -12.54
N ALA A 73 -21.51 8.96 -12.07
CA ALA A 73 -20.62 9.67 -12.99
C ALA A 73 -19.80 8.69 -13.83
N ILE A 74 -19.30 7.63 -13.18
CA ILE A 74 -18.48 6.62 -13.87
C ILE A 74 -19.24 5.99 -15.03
N GLU A 75 -20.53 5.68 -14.82
CA GLU A 75 -21.28 5.12 -15.96
C GLU A 75 -21.53 6.19 -17.04
N THR A 76 -21.74 7.45 -16.65
CA THR A 76 -21.96 8.46 -17.69
C THR A 76 -20.69 8.69 -18.51
N TYR A 77 -19.51 8.64 -17.88
CA TYR A 77 -18.27 8.76 -18.65
C TYR A 77 -18.17 7.61 -19.66
N GLN A 78 -18.64 6.42 -19.29
CA GLN A 78 -18.65 5.36 -20.29
CA GLN A 78 -18.67 5.34 -20.28
C GLN A 78 -19.66 5.65 -21.41
N GLU A 79 -20.81 6.21 -21.04
CA GLU A 79 -21.82 6.53 -22.04
C GLU A 79 -21.23 7.43 -23.11
N VAL A 80 -20.44 8.43 -22.68
CA VAL A 80 -19.79 9.31 -23.64
C VAL A 80 -19.09 8.50 -24.73
N ALA A 81 -18.31 7.51 -24.33
CA ALA A 81 -17.53 6.77 -25.29
C ALA A 81 -18.40 5.88 -26.13
N SER A 82 -19.64 5.65 -25.70
CA SER A 82 -20.57 4.81 -26.46
C SER A 82 -21.23 5.54 -27.64
N LEU A 83 -21.07 6.84 -27.77
CA LEU A 83 -21.86 7.62 -28.73
C LEU A 83 -21.17 7.68 -30.07
N PRO A 84 -21.87 8.13 -31.10
CA PRO A 84 -21.23 8.28 -32.42
C PRO A 84 -20.38 9.52 -32.51
N ASP A 85 -19.31 9.41 -33.29
CA ASP A 85 -18.53 10.57 -33.72
C ASP A 85 -17.93 11.35 -32.55
N VAL A 86 -17.35 10.62 -31.60
CA VAL A 86 -16.71 11.27 -30.46
C VAL A 86 -15.33 11.82 -30.81
N PRO A 87 -15.06 13.11 -30.65
CA PRO A 87 -13.70 13.60 -30.91
C PRO A 87 -12.67 12.84 -30.05
N ALA A 88 -11.53 12.55 -30.66
CA ALA A 88 -10.49 11.78 -29.96
C ALA A 88 -10.11 12.36 -28.60
N ASP A 89 -9.91 13.69 -28.54
CA ASP A 89 -9.54 14.30 -27.25
C ASP A 89 -10.60 14.02 -26.18
N LEU A 90 -11.89 14.15 -26.55
CA LEU A 90 -12.98 13.94 -25.61
C LEU A 90 -13.07 12.48 -25.19
N LEU A 91 -12.95 11.57 -26.16
CA LEU A 91 -12.93 10.15 -25.85
C LEU A 91 -11.86 9.83 -24.81
N LYS A 92 -10.65 10.33 -25.04
CA LYS A 92 -9.56 10.06 -24.10
C LYS A 92 -9.82 10.70 -22.73
N LEU A 93 -10.28 11.94 -22.68
CA LEU A 93 -10.56 12.56 -21.38
C LEU A 93 -11.61 11.79 -20.62
N SER A 94 -12.69 11.38 -21.30
CA SER A 94 -13.80 10.72 -20.61
C SER A 94 -13.37 9.37 -20.05
N LEU A 95 -12.68 8.56 -20.85
CA LEU A 95 -12.28 7.24 -20.34
C LEU A 95 -11.15 7.34 -19.33
N LYS A 96 -10.22 8.29 -19.49
CA LYS A 96 -9.21 8.47 -18.45
C LYS A 96 -9.84 8.84 -17.13
N ARG A 97 -10.79 9.81 -17.13
CA ARG A 97 -11.42 10.19 -15.87
C ARG A 97 -12.20 9.01 -15.30
N ARG A 98 -12.83 8.21 -16.18
N ARG A 98 -12.84 8.23 -16.17
CA ARG A 98 -13.53 7.01 -15.72
CA ARG A 98 -13.52 7.01 -15.74
C ARG A 98 -12.58 6.10 -14.96
C ARG A 98 -12.56 6.13 -14.95
N SER A 99 -11.42 5.80 -15.55
CA SER A 99 -10.47 4.92 -14.88
C SER A 99 -9.98 5.52 -13.57
N ASP A 100 -9.67 6.82 -13.56
CA ASP A 100 -9.18 7.49 -12.36
C ASP A 100 -10.20 7.42 -11.24
N ARG A 101 -11.48 7.61 -11.56
CA ARG A 101 -12.49 7.55 -10.50
C ARG A 101 -12.77 6.12 -10.04
N GLN A 102 -12.72 5.15 -10.97
CA GLN A 102 -12.77 3.76 -10.55
C GLN A 102 -11.63 3.46 -9.57
N GLN A 103 -10.42 3.88 -9.89
CA GLN A 103 -9.32 3.62 -8.95
C GLN A 103 -9.57 4.30 -7.60
N PHE A 104 -10.07 5.54 -7.61
CA PHE A 104 -10.39 6.24 -6.37
C PHE A 104 -11.38 5.44 -5.53
N LEU A 105 -12.37 4.81 -6.17
CA LEU A 105 -13.34 4.01 -5.43
C LEU A 105 -12.85 2.61 -5.06
N GLY A 106 -11.71 2.19 -5.55
CA GLY A 106 -11.20 0.85 -5.31
C GLY A 106 -11.63 -0.19 -6.33
N HIS A 107 -12.26 0.22 -7.43
CA HIS A 107 -12.65 -0.72 -8.47
C HIS A 107 -11.47 -0.94 -9.40
N MET A 108 -10.46 -1.67 -8.87
CA MET A 108 -9.20 -1.83 -9.59
C MET A 108 -9.37 -2.69 -10.85
N ARG A 109 -10.20 -3.73 -10.80
CA ARG A 109 -10.42 -4.54 -12.00
C ARG A 109 -11.21 -3.77 -13.07
N GLY A 110 -12.16 -2.96 -12.66
CA GLY A 110 -12.88 -2.13 -13.61
C GLY A 110 -11.98 -1.07 -14.22
N SER A 111 -11.16 -0.43 -13.38
CA SER A 111 -10.19 0.51 -13.91
C SER A 111 -9.28 -0.18 -14.91
N LEU A 112 -8.79 -1.38 -14.59
CA LEU A 112 -7.94 -2.10 -15.54
C LEU A 112 -8.65 -2.29 -16.88
N LEU A 113 -9.92 -2.66 -16.86
CA LEU A 113 -10.66 -2.82 -18.11
C LEU A 113 -10.68 -1.53 -18.92
N THR A 114 -10.94 -0.40 -18.26
CA THR A 114 -10.96 0.87 -18.97
C THR A 114 -9.59 1.20 -19.57
N LEU A 115 -8.53 0.94 -18.80
CA LEU A 115 -7.19 1.22 -19.28
C LEU A 115 -6.82 0.36 -20.49
N GLN A 116 -7.20 -0.92 -20.46
CA GLN A 116 -6.98 -1.76 -21.63
C GLN A 116 -7.70 -1.18 -22.85
N ARG A 117 -8.93 -0.73 -22.66
CA ARG A 117 -9.64 -0.12 -23.78
C ARG A 117 -8.92 1.14 -24.29
N LEU A 118 -8.47 1.99 -23.37
CA LEU A 118 -7.76 3.20 -23.75
C LEU A 118 -6.54 2.88 -24.61
N VAL A 119 -5.76 1.86 -24.22
CA VAL A 119 -4.55 1.56 -24.99
C VAL A 119 -4.91 1.00 -26.36
N GLN A 120 -6.00 0.22 -26.45
CA GLN A 120 -6.43 -0.25 -27.77
C GLN A 120 -6.84 0.92 -28.66
N LEU A 121 -7.53 1.91 -28.09
CA LEU A 121 -8.02 3.02 -28.89
C LEU A 121 -6.94 4.01 -29.28
N PHE A 122 -5.87 4.12 -28.49
CA PHE A 122 -4.79 5.07 -28.70
C PHE A 122 -3.46 4.37 -28.57
N PRO A 123 -3.02 3.63 -29.60
CA PRO A 123 -1.81 2.78 -29.48
C PRO A 123 -0.49 3.54 -29.50
N ASN A 124 -0.44 4.80 -29.91
CA ASN A 124 0.81 5.54 -29.89
C ASN A 124 0.98 6.38 -28.64
N ASP A 125 0.00 6.37 -27.71
CA ASP A 125 0.08 7.18 -26.49
C ASP A 125 0.82 6.40 -25.42
N THR A 126 2.08 6.78 -25.21
CA THR A 126 2.93 6.09 -24.24
C THR A 126 2.44 6.31 -22.82
N SER A 127 1.93 7.51 -22.50
CA SER A 127 1.42 7.79 -21.17
C SER A 127 0.33 6.81 -20.78
N LEU A 128 -0.53 6.45 -21.73
CA LEU A 128 -1.62 5.52 -21.42
C LEU A 128 -1.08 4.14 -21.13
N LYS A 129 -0.02 3.73 -21.82
CA LYS A 129 0.64 2.46 -21.48
C LYS A 129 1.17 2.50 -20.05
N ASN A 130 1.87 3.58 -19.68
CA ASN A 130 2.31 3.70 -18.29
C ASN A 130 1.14 3.55 -17.32
N ASP A 131 0.00 4.18 -17.65
CA ASP A 131 -1.17 4.09 -16.77
C ASP A 131 -1.72 2.65 -16.72
N LEU A 132 -1.74 1.97 -17.86
CA LEU A 132 -2.11 0.56 -17.89
C LEU A 132 -1.21 -0.29 -17.00
N GLY A 133 0.12 -0.05 -17.05
CA GLY A 133 1.01 -0.75 -16.15
C GLY A 133 0.62 -0.57 -14.70
N VAL A 134 0.27 0.65 -14.30
CA VAL A 134 -0.23 0.87 -12.94
C VAL A 134 -1.48 0.05 -12.67
N GLY A 135 -2.46 0.07 -13.59
CA GLY A 135 -3.64 -0.77 -13.41
C GLY A 135 -3.28 -2.22 -13.09
N TYR A 136 -2.33 -2.79 -13.85
CA TYR A 136 -1.89 -4.16 -13.58
C TYR A 136 -1.25 -4.27 -12.19
N LEU A 137 -0.38 -3.34 -11.85
CA LEU A 137 0.25 -3.40 -10.53
C LEU A 137 -0.80 -3.35 -9.43
N LEU A 138 -1.87 -2.58 -9.64
CA LEU A 138 -2.86 -2.43 -8.59
C LEU A 138 -3.72 -3.68 -8.44
N ILE A 139 -3.75 -4.58 -9.42
CA ILE A 139 -4.43 -5.86 -9.16
C ILE A 139 -3.47 -6.97 -8.80
N GLY A 140 -2.18 -6.67 -8.64
CA GLY A 140 -1.23 -7.71 -8.27
C GLY A 140 -0.68 -8.49 -9.43
N ASP A 141 -0.86 -8.02 -10.67
CA ASP A 141 -0.40 -8.75 -11.86
C ASP A 141 0.92 -8.16 -12.34
N ASN A 142 1.98 -8.51 -11.63
CA ASN A 142 3.28 -7.96 -11.93
C ASN A 142 3.84 -8.47 -13.24
N ASP A 143 3.49 -9.68 -13.66
CA ASP A 143 3.95 -10.18 -14.95
C ASP A 143 3.49 -9.29 -16.12
N ASN A 144 2.19 -8.98 -16.18
CA ASN A 144 1.73 -8.11 -17.27
C ASN A 144 2.24 -6.69 -17.12
N ALA A 145 2.30 -6.18 -15.88
CA ALA A 145 2.89 -4.86 -15.67
C ALA A 145 4.28 -4.79 -16.27
N LYS A 146 5.10 -5.80 -15.98
CA LYS A 146 6.46 -5.83 -16.50
C LYS A 146 6.48 -5.80 -18.02
N LYS A 147 5.59 -6.56 -18.64
CA LYS A 147 5.59 -6.53 -20.10
C LYS A 147 5.21 -5.14 -20.64
N VAL A 148 4.26 -4.48 -19.97
CA VAL A 148 3.86 -3.15 -20.42
C VAL A 148 5.05 -2.20 -20.36
N TYR A 149 5.74 -2.14 -19.21
CA TYR A 149 6.85 -1.20 -19.09
C TYR A 149 8.00 -1.57 -20.01
N GLU A 150 8.21 -2.85 -20.30
CA GLU A 150 9.19 -3.24 -21.30
C GLU A 150 8.84 -2.69 -22.68
N GLU A 151 7.57 -2.79 -23.08
CA GLU A 151 7.17 -2.21 -24.37
C GLU A 151 7.44 -0.70 -24.38
N VAL A 152 7.05 -0.03 -23.30
CA VAL A 152 7.23 1.41 -23.20
C VAL A 152 8.69 1.77 -23.37
N LEU A 153 9.56 1.06 -22.65
CA LEU A 153 11.00 1.35 -22.69
C LEU A 153 11.60 1.05 -24.06
N SER A 154 11.03 0.08 -24.78
CA SER A 154 11.57 -0.27 -26.08
C SER A 154 11.20 0.77 -27.12
N VAL A 155 10.22 1.63 -26.83
CA VAL A 155 9.90 2.74 -27.71
C VAL A 155 10.51 4.05 -27.21
N THR A 156 10.43 4.30 -25.92
CA THR A 156 10.89 5.54 -25.29
C THR A 156 11.79 5.14 -24.15
N PRO A 157 13.04 4.75 -24.44
CA PRO A 157 13.87 4.12 -23.39
C PRO A 157 14.31 5.07 -22.30
N ASN A 158 14.12 6.38 -22.47
CA ASN A 158 14.43 7.34 -21.42
C ASN A 158 13.19 7.75 -20.63
N ASP A 159 12.09 7.00 -20.74
CA ASP A 159 10.86 7.38 -20.03
C ASP A 159 11.06 7.10 -18.54
N GLY A 160 11.10 8.16 -17.73
CA GLY A 160 11.43 7.99 -16.33
C GLY A 160 10.36 7.23 -15.56
N PHE A 161 9.10 7.51 -15.84
CA PHE A 161 8.00 6.82 -15.17
C PHE A 161 8.12 5.32 -15.38
N ALA A 162 8.38 4.92 -16.62
CA ALA A 162 8.51 3.51 -16.95
C ALA A 162 9.76 2.92 -16.33
N LYS A 163 10.82 3.72 -16.24
CA LYS A 163 12.03 3.23 -15.57
C LYS A 163 11.79 2.93 -14.09
N VAL A 164 11.20 3.88 -13.36
CA VAL A 164 11.06 3.61 -11.93
C VAL A 164 10.09 2.45 -11.69
N HIS A 165 9.07 2.30 -12.54
CA HIS A 165 8.13 1.18 -12.32
C HIS A 165 8.75 -0.16 -12.71
N TYR A 166 9.52 -0.18 -13.79
CA TYR A 166 10.25 -1.39 -14.13
C TYR A 166 11.23 -1.75 -13.03
N GLY A 167 11.96 -0.74 -12.50
CA GLY A 167 12.85 -1.00 -11.39
C GLY A 167 12.13 -1.53 -10.16
N PHE A 168 10.96 -0.97 -9.86
CA PHE A 168 10.18 -1.48 -8.73
C PHE A 168 9.85 -2.96 -8.94
N ILE A 169 9.40 -3.28 -10.14
CA ILE A 169 9.01 -4.65 -10.44
C ILE A 169 10.20 -5.59 -10.31
N LEU A 170 11.35 -5.19 -10.89
CA LEU A 170 12.57 -5.99 -10.78
C LEU A 170 12.95 -6.22 -9.32
N LYS A 171 12.90 -5.14 -8.51
CA LYS A 171 13.30 -5.28 -7.12
C LYS A 171 12.37 -6.24 -6.39
N ALA A 172 11.08 -6.17 -6.69
CA ALA A 172 10.11 -7.04 -6.05
C ALA A 172 10.33 -8.50 -6.45
N GLN A 173 10.92 -8.74 -7.62
CA GLN A 173 11.25 -10.08 -8.08
C GLN A 173 12.61 -10.53 -7.56
N ASN A 174 13.22 -9.78 -6.64
CA ASN A 174 14.55 -10.07 -6.11
C ASN A 174 15.67 -9.92 -7.13
N LYS A 175 15.43 -9.22 -8.24
CA LYS A 175 16.50 -8.87 -9.18
C LYS A 175 17.10 -7.54 -8.73
N ILE A 176 17.91 -7.61 -7.67
CA ILE A 176 18.23 -6.43 -6.88
C ILE A 176 19.19 -5.51 -7.64
N ALA A 177 20.35 -6.07 -8.00
CA ALA A 177 21.32 -5.29 -8.76
C ALA A 177 20.70 -4.73 -10.03
N GLU A 178 19.83 -5.50 -10.71
CA GLU A 178 19.31 -5.04 -11.98
C GLU A 178 18.38 -3.87 -11.76
N SER A 179 17.62 -3.91 -10.65
CA SER A 179 16.66 -2.85 -10.37
C SER A 179 17.35 -1.54 -10.08
N ILE A 180 18.57 -1.56 -9.56
CA ILE A 180 19.16 -0.29 -9.10
C ILE A 180 19.28 0.74 -10.20
N PRO A 181 19.83 0.46 -11.38
CA PRO A 181 19.95 1.52 -12.40
C PRO A 181 18.59 2.08 -12.84
N TYR A 182 17.55 1.25 -12.88
CA TYR A 182 16.24 1.69 -13.32
C TYR A 182 15.60 2.62 -12.31
N LEU A 183 15.65 2.23 -11.02
CA LEU A 183 15.11 3.09 -9.97
C LEU A 183 15.86 4.41 -9.88
N LYS A 184 17.20 4.34 -9.91
CA LYS A 184 18.03 5.54 -9.80
C LYS A 184 17.82 6.48 -11.00
N GLU A 185 17.90 5.95 -12.21
CA GLU A 185 17.72 6.80 -13.39
C GLU A 185 16.32 7.37 -13.45
N GLY A 186 15.31 6.61 -12.99
CA GLY A 186 13.96 7.10 -13.06
C GLY A 186 13.73 8.23 -12.07
N ILE A 187 14.18 8.05 -10.82
CA ILE A 187 14.11 9.17 -9.88
C ILE A 187 14.84 10.38 -10.44
N GLU A 188 16.05 10.16 -10.97
CA GLU A 188 16.86 11.29 -11.44
C GLU A 188 16.23 12.00 -12.62
N SER A 189 15.35 11.31 -13.35
CA SER A 189 14.71 11.93 -14.50
C SER A 189 13.87 13.12 -14.08
N GLY A 190 13.32 13.08 -12.87
CA GLY A 190 12.38 14.08 -12.44
C GLY A 190 11.08 14.12 -13.23
N ASP A 191 10.84 13.09 -14.04
CA ASP A 191 9.60 13.03 -14.79
C ASP A 191 8.40 12.90 -13.85
N PRO A 192 7.22 13.37 -14.27
CA PRO A 192 6.05 13.26 -13.38
C PRO A 192 5.79 11.82 -12.97
N GLY A 193 5.46 11.64 -11.70
CA GLY A 193 5.22 10.33 -11.14
C GLY A 193 6.43 9.61 -10.62
N THR A 194 7.63 10.17 -10.81
CA THR A 194 8.85 9.55 -10.31
C THR A 194 9.20 9.98 -8.89
N ASP A 195 8.70 11.13 -8.44
CA ASP A 195 9.03 11.63 -7.10
C ASP A 195 8.05 10.98 -6.14
N ASP A 196 8.33 9.73 -5.80
CA ASP A 196 7.41 8.87 -5.05
C ASP A 196 8.20 8.11 -4.01
N GLY A 197 7.68 8.11 -2.77
CA GLY A 197 8.40 7.47 -1.69
C GLY A 197 8.74 6.02 -1.96
N ARG A 198 7.87 5.31 -2.66
CA ARG A 198 8.14 3.90 -2.90
C ARG A 198 9.48 3.69 -3.58
N PHE A 199 9.84 4.61 -4.47
CA PHE A 199 11.04 4.40 -5.29
C PHE A 199 12.30 4.76 -4.51
N TYR A 200 12.26 5.82 -3.70
CA TYR A 200 13.38 6.08 -2.80
C TYR A 200 13.56 4.90 -1.85
N PHE A 201 12.45 4.40 -1.31
CA PHE A 201 12.49 3.34 -0.31
C PHE A 201 13.17 2.10 -0.87
N HIS A 202 12.75 1.68 -2.05
CA HIS A 202 13.28 0.45 -2.59
C HIS A 202 14.63 0.64 -3.26
N LEU A 203 14.97 1.83 -3.75
CA LEU A 203 16.33 2.06 -4.22
C LEU A 203 17.32 1.96 -3.07
N GLY A 204 17.04 2.70 -1.98
CA GLY A 204 17.88 2.57 -0.81
C GLY A 204 18.00 1.14 -0.34
N ASP A 205 16.89 0.42 -0.30
CA ASP A 205 16.93 -0.93 0.23
C ASP A 205 17.79 -1.82 -0.65
N ALA A 206 17.61 -1.73 -1.98
CA ALA A 206 18.42 -2.56 -2.88
C ALA A 206 19.91 -2.25 -2.73
N MET A 207 20.24 -0.96 -2.63
CA MET A 207 21.65 -0.61 -2.42
CA MET A 207 21.65 -0.62 -2.42
C MET A 207 22.17 -1.21 -1.12
N GLN A 208 21.37 -1.17 -0.05
CA GLN A 208 21.85 -1.75 1.21
C GLN A 208 22.13 -3.24 1.03
N ARG A 209 21.24 -3.92 0.28
CA ARG A 209 21.38 -5.36 0.10
C ARG A 209 22.62 -5.72 -0.70
N VAL A 210 23.09 -4.85 -1.59
CA VAL A 210 24.29 -5.16 -2.37
C VAL A 210 25.55 -4.54 -1.79
N GLY A 211 25.47 -3.91 -0.63
CA GLY A 211 26.65 -3.32 -0.03
C GLY A 211 27.07 -1.98 -0.59
N ASN A 212 26.16 -1.28 -1.27
CA ASN A 212 26.45 0.03 -1.83
C ASN A 212 26.20 1.08 -0.75
N LYS A 213 27.26 1.81 -0.38
CA LYS A 213 27.17 2.74 0.75
C LYS A 213 26.45 4.04 0.40
N GLU A 214 25.99 4.21 -0.83
CA GLU A 214 25.23 5.41 -1.17
C GLU A 214 23.78 5.35 -0.72
N ALA A 215 23.31 4.23 -0.16
CA ALA A 215 21.88 4.06 0.12
C ALA A 215 21.35 5.22 0.96
N TYR A 216 22.10 5.63 1.97
CA TYR A 216 21.60 6.67 2.85
C TYR A 216 21.58 8.02 2.19
N LYS A 217 22.29 8.21 1.06
CA LYS A 217 22.09 9.43 0.29
C LYS A 217 20.66 9.49 -0.22
N TRP A 218 20.13 8.37 -0.70
CA TRP A 218 18.78 8.36 -1.21
C TRP A 218 17.76 8.46 -0.10
N TYR A 219 18.04 7.85 1.06
CA TYR A 219 17.18 8.07 2.21
C TYR A 219 17.18 9.54 2.63
N GLU A 220 18.35 10.19 2.60
CA GLU A 220 18.43 11.61 2.92
C GLU A 220 17.53 12.39 1.97
N LEU A 221 17.64 12.13 0.67
CA LEU A 221 16.88 12.93 -0.28
C LEU A 221 15.39 12.61 -0.23
N GLY A 222 15.02 11.38 0.14
CA GLY A 222 13.61 11.09 0.35
C GLY A 222 13.04 11.77 1.57
N HIS A 223 13.81 11.84 2.66
CA HIS A 223 13.41 12.68 3.78
C HIS A 223 13.26 14.15 3.33
N LYS A 224 14.31 14.71 2.72
CA LYS A 224 14.27 16.10 2.27
C LYS A 224 13.06 16.37 1.39
N ARG A 225 12.64 15.40 0.59
CA ARG A 225 11.51 15.56 -0.32
C ARG A 225 10.18 15.16 0.29
N GLY A 226 10.14 14.81 1.57
CA GLY A 226 8.90 14.68 2.28
C GLY A 226 8.29 13.29 2.32
N HIS A 227 8.96 12.28 1.82
CA HIS A 227 8.37 10.95 1.79
C HIS A 227 8.58 10.17 3.08
N PHE A 228 9.65 10.48 3.83
CA PHE A 228 10.00 9.76 5.04
C PHE A 228 9.98 10.72 6.23
N ALA A 229 9.46 10.26 7.36
CA ALA A 229 9.51 11.08 8.56
C ALA A 229 10.95 11.41 8.94
N SER A 230 11.87 10.49 8.69
CA SER A 230 13.29 10.69 8.94
C SER A 230 14.01 9.65 8.10
N VAL A 231 15.35 9.72 8.11
CA VAL A 231 16.08 8.75 7.30
C VAL A 231 16.01 7.34 7.92
N TRP A 232 15.71 7.24 9.22
CA TRP A 232 15.61 5.92 9.84
CA TRP A 232 15.61 5.92 9.84
C TRP A 232 14.18 5.39 9.88
N GLN A 233 13.17 6.26 9.87
CA GLN A 233 11.76 5.85 9.95
C GLN A 233 11.15 6.09 8.58
N ARG A 234 10.99 5.01 7.79
CA ARG A 234 10.68 5.16 6.38
C ARG A 234 9.37 4.51 5.97
N SER A 235 8.51 4.22 6.93
CA SER A 235 7.13 3.81 6.63
C SER A 235 6.48 4.83 5.71
N LEU A 236 5.46 4.41 4.97
CA LEU A 236 4.83 5.25 3.99
C LEU A 236 3.33 5.38 4.18
N TYR A 237 2.74 4.67 5.12
CA TYR A 237 1.32 4.79 5.47
C TYR A 237 1.28 5.33 6.88
N ASN A 238 1.25 6.65 7.01
CA ASN A 238 1.51 7.27 8.29
C ASN A 238 0.39 8.20 8.72
N VAL A 239 0.28 8.36 10.02
CA VAL A 239 -0.43 9.47 10.62
C VAL A 239 0.63 10.42 11.15
N ASN A 240 0.74 11.59 10.55
CA ASN A 240 1.77 12.52 10.95
C ASN A 240 1.49 13.04 12.35
N GLY A 241 2.54 13.17 13.15
CA GLY A 241 2.45 13.68 14.51
C GLY A 241 2.74 12.64 15.58
N LEU A 242 2.53 11.37 15.27
CA LEU A 242 2.68 10.35 16.30
C LEU A 242 4.11 10.31 16.84
N LYS A 243 4.22 10.17 18.16
CA LYS A 243 5.53 10.06 18.81
C LYS A 243 6.38 9.03 18.10
N ALA A 244 7.60 9.42 17.77
CA ALA A 244 8.52 8.57 16.99
C ALA A 244 9.75 8.29 17.83
N GLN A 245 9.95 7.04 18.21
CA GLN A 245 11.18 6.57 18.82
C GLN A 245 11.30 5.07 18.58
N PRO A 246 12.52 4.55 18.42
CA PRO A 246 12.63 3.12 18.02
C PRO A 246 12.20 2.15 19.10
N TRP A 247 12.50 2.45 20.36
CA TRP A 247 12.26 1.53 21.47
C TRP A 247 11.34 2.20 22.49
N TRP A 248 10.38 1.43 23.00
CA TRP A 248 9.42 1.93 23.97
C TRP A 248 9.44 1.04 25.21
N THR A 249 9.15 1.67 26.39
CA THR A 249 8.87 0.91 27.58
C THR A 249 7.38 0.63 27.69
N PRO A 250 6.99 -0.42 28.44
CA PRO A 250 5.56 -0.64 28.68
C PRO A 250 4.83 0.60 29.15
N LYS A 251 5.37 1.31 30.14
CA LYS A 251 4.65 2.47 30.65
C LYS A 251 4.58 3.55 29.60
N GLU A 252 5.64 3.71 28.77
CA GLU A 252 5.58 4.70 27.71
C GLU A 252 4.40 4.42 26.78
N THR A 253 3.99 3.14 26.64
CA THR A 253 2.91 2.83 25.71
C THR A 253 1.54 2.90 26.36
N GLY A 254 1.47 2.78 27.69
CA GLY A 254 0.23 2.70 28.42
C GLY A 254 -0.47 1.36 28.41
N TYR A 255 0.02 0.41 27.63
CA TYR A 255 -0.57 -0.93 27.54
C TYR A 255 0.00 -1.85 28.61
N THR A 256 0.04 -1.35 29.86
CA THR A 256 0.71 -2.10 30.92
C THR A 256 -0.06 -3.35 31.30
N GLU A 257 -1.39 -3.34 31.17
CA GLU A 257 -2.13 -4.55 31.51
C GLU A 257 -1.89 -5.64 30.45
N LEU A 258 -1.78 -5.26 29.16
CA LEU A 258 -1.45 -6.26 28.13
C LEU A 258 -0.06 -6.87 28.38
N VAL A 259 0.94 -6.03 28.67
CA VAL A 259 2.30 -6.53 28.90
C VAL A 259 2.33 -7.46 30.11
N LYS A 260 1.58 -7.10 31.16
CA LYS A 260 1.50 -7.92 32.36
C LYS A 260 0.87 -9.23 32.01
N SER A 261 -0.18 -9.22 31.18
CA SER A 261 -0.83 -10.48 30.86
C SER A 261 0.11 -11.38 30.07
N LEU A 262 0.87 -10.81 29.12
CA LEU A 262 1.77 -11.63 28.30
C LEU A 262 2.89 -12.22 29.15
N GLU A 263 3.51 -11.39 29.98
CA GLU A 263 4.63 -11.87 30.78
C GLU A 263 4.17 -12.85 31.85
N ARG A 264 3.07 -12.58 32.54
CA ARG A 264 2.64 -13.47 33.62
C ARG A 264 2.19 -14.84 33.11
N ASN A 265 1.65 -14.91 31.87
CA ASN A 265 1.14 -16.14 31.29
C ASN A 265 2.04 -16.67 30.17
N TRP A 266 3.33 -16.36 30.21
CA TRP A 266 4.19 -16.62 29.06
C TRP A 266 4.37 -18.10 28.81
N LYS A 267 4.39 -18.95 29.87
CA LYS A 267 4.65 -20.37 29.64
C LYS A 267 3.49 -21.03 28.93
N LEU A 268 2.28 -20.55 29.18
CA LEU A 268 1.10 -21.03 28.47
CA LEU A 268 1.10 -21.03 28.47
C LEU A 268 1.17 -20.70 26.99
N ILE A 269 1.54 -19.47 26.69
CA ILE A 269 1.68 -18.99 25.31
C ILE A 269 2.77 -19.82 24.62
N ARG A 270 3.89 -19.99 25.33
CA ARG A 270 4.98 -20.83 24.84
C ARG A 270 4.48 -22.20 24.51
N ASP A 271 3.79 -22.83 25.44
CA ASP A 271 3.49 -24.25 25.29
C ASP A 271 2.51 -24.50 24.16
N GLU A 272 1.55 -23.61 23.95
CA GLU A 272 0.66 -23.77 22.81
C GLU A 272 1.43 -23.65 21.50
N GLY A 273 2.38 -22.70 21.44
CA GLY A 273 3.19 -22.61 20.25
C GLY A 273 4.03 -23.84 19.98
N LEU A 274 4.65 -24.40 21.01
CA LEU A 274 5.43 -25.64 20.90
C LEU A 274 4.54 -26.80 20.47
N ALA A 275 3.30 -26.83 20.96
CA ALA A 275 2.44 -27.93 20.55
C ALA A 275 2.12 -27.84 19.07
N VAL A 276 1.89 -26.62 18.55
CA VAL A 276 1.68 -26.45 17.11
C VAL A 276 2.93 -26.86 16.32
N MET A 277 4.10 -26.45 16.79
CA MET A 277 5.34 -26.95 16.19
C MET A 277 5.41 -28.49 16.13
N ASP A 278 4.96 -29.16 17.18
CA ASP A 278 5.15 -30.59 17.28
C ASP A 278 4.11 -31.35 16.47
N LYS A 279 2.90 -30.85 16.39
CA LYS A 279 1.78 -31.66 15.91
C LYS A 279 1.03 -31.02 14.73
N ALA A 280 1.31 -29.76 14.44
CA ALA A 280 0.56 -29.05 13.40
C ALA A 280 1.49 -28.03 12.76
N LYS A 281 2.70 -28.49 12.38
CA LYS A 281 3.76 -27.58 11.99
C LYS A 281 3.38 -26.79 10.74
N GLY A 282 2.49 -27.33 9.88
CA GLY A 282 2.02 -26.62 8.70
C GLY A 282 1.27 -25.34 8.96
N LEU A 283 0.85 -25.09 10.20
CA LEU A 283 0.28 -23.79 10.54
C LEU A 283 1.34 -22.69 10.55
N PHE A 284 2.61 -23.06 10.66
CA PHE A 284 3.72 -22.09 10.52
C PHE A 284 4.03 -21.95 9.03
N LEU A 285 3.97 -20.78 8.53
CA LEU A 285 4.19 -20.50 7.13
C LEU A 285 5.48 -19.74 6.95
N PRO A 286 6.29 -20.12 5.96
CA PRO A 286 7.53 -19.40 5.71
C PRO A 286 7.32 -17.94 5.42
N GLU A 287 8.22 -17.12 5.94
CA GLU A 287 8.20 -15.69 5.65
C GLU A 287 8.29 -15.48 4.15
N ASP A 288 7.43 -14.62 3.61
CA ASP A 288 7.32 -14.54 2.14
C ASP A 288 7.29 -13.11 1.64
N GLU A 289 8.05 -12.21 2.25
CA GLU A 289 8.16 -10.81 1.84
C GLU A 289 9.58 -10.49 1.39
N ASN A 290 10.33 -11.51 1.03
CA ASN A 290 11.72 -11.38 0.58
C ASN A 290 12.60 -10.63 1.58
N LEU A 291 12.37 -10.86 2.86
CA LEU A 291 13.11 -10.14 3.88
C LEU A 291 14.35 -10.88 4.39
N ARG A 292 14.60 -12.11 3.95
CA ARG A 292 15.74 -12.87 4.42
C ARG A 292 16.93 -12.86 3.47
N GLU A 293 18.12 -12.62 4.03
CA GLU A 293 19.34 -12.89 3.27
C GLU A 293 19.57 -14.39 3.17
N LYS A 294 19.31 -15.12 4.27
CA LYS A 294 19.52 -16.56 4.38
C LYS A 294 18.79 -17.05 5.63
N GLY A 295 18.57 -18.35 5.72
CA GLY A 295 18.03 -18.92 6.93
C GLY A 295 16.57 -19.29 6.80
N ASP A 296 16.06 -19.88 7.89
CA ASP A 296 14.72 -20.43 7.98
C ASP A 296 13.96 -19.61 9.02
N TRP A 297 12.79 -19.11 8.64
CA TRP A 297 12.00 -18.21 9.46
C TRP A 297 10.56 -18.42 9.05
N SER A 298 9.69 -18.71 10.01
CA SER A 298 8.30 -19.00 9.76
C SER A 298 7.42 -18.38 10.82
N GLN A 299 6.17 -18.13 10.48
CA GLN A 299 5.24 -17.49 11.39
CA GLN A 299 5.23 -17.48 11.38
C GLN A 299 3.89 -18.18 11.38
N PHE A 300 3.27 -18.19 12.52
CA PHE A 300 1.98 -18.86 12.82
C PHE A 300 1.06 -17.73 13.31
N THR A 301 0.12 -17.30 12.45
CA THR A 301 -0.59 -16.05 12.65
C THR A 301 -1.97 -16.30 13.25
N LEU A 302 -2.27 -15.64 14.37
CA LEU A 302 -3.56 -15.74 15.05
C LEU A 302 -4.51 -14.63 14.65
N TRP A 303 -4.00 -13.39 14.51
CA TRP A 303 -4.76 -12.24 14.02
C TRP A 303 -4.00 -11.52 12.92
N GLN A 304 -4.68 -11.01 11.90
CA GLN A 304 -4.09 -10.10 10.91
C GLN A 304 -5.21 -9.14 10.52
N GLN A 305 -4.83 -7.88 10.25
CA GLN A 305 -5.81 -6.82 9.94
C GLN A 305 -7.00 -6.81 10.92
N GLY A 306 -6.72 -7.09 12.19
CA GLY A 306 -7.74 -7.05 13.20
C GLY A 306 -8.78 -8.12 13.09
N ARG A 307 -8.49 -9.21 12.40
CA ARG A 307 -9.42 -10.32 12.23
C ARG A 307 -8.80 -11.61 12.78
N ARG A 308 -9.56 -12.29 13.63
CA ARG A 308 -9.13 -13.55 14.21
C ARG A 308 -9.18 -14.66 13.16
N ASN A 309 -8.08 -15.42 13.05
CA ASN A 309 -8.05 -16.63 12.23
C ASN A 309 -8.58 -17.75 13.10
N GLU A 310 -9.85 -18.16 12.87
CA GLU A 310 -10.49 -19.11 13.77
C GLU A 310 -9.79 -20.47 13.78
N ASN A 311 -9.39 -20.94 12.60
CA ASN A 311 -8.67 -22.22 12.52
C ASN A 311 -7.33 -22.15 13.26
N ALA A 312 -6.58 -21.08 13.02
CA ALA A 312 -5.33 -20.87 13.74
C ALA A 312 -5.57 -20.90 15.25
N CYS A 313 -6.58 -20.17 15.73
CA CYS A 313 -6.83 -20.11 17.17
C CYS A 313 -7.23 -21.45 17.77
N LYS A 314 -7.73 -22.39 16.96
CA LYS A 314 -7.89 -23.74 17.47
C LYS A 314 -6.57 -24.34 17.98
N GLY A 315 -5.45 -23.93 17.37
CA GLY A 315 -4.14 -24.41 17.79
C GLY A 315 -3.57 -23.71 19.01
N ALA A 316 -4.04 -22.51 19.32
CA ALA A 316 -3.59 -21.80 20.52
C ALA A 316 -4.81 -21.21 21.24
N PRO A 317 -5.71 -22.08 21.74
CA PRO A 317 -7.01 -21.57 22.18
C PRO A 317 -6.91 -20.72 23.42
N LYS A 318 -6.06 -21.09 24.39
CA LYS A 318 -5.97 -20.28 25.60
C LYS A 318 -5.28 -18.97 25.32
N THR A 319 -4.26 -18.97 24.46
CA THR A 319 -3.62 -17.72 24.07
C THR A 319 -4.62 -16.78 23.40
N CYS A 320 -5.45 -17.29 22.46
CA CYS A 320 -6.44 -16.43 21.81
C CYS A 320 -7.47 -15.91 22.82
N THR A 321 -7.89 -16.76 23.75
CA THR A 321 -8.79 -16.30 24.80
C THR A 321 -8.17 -15.19 25.65
N LEU A 322 -6.89 -15.35 25.98
CA LEU A 322 -6.18 -14.34 26.76
C LEU A 322 -6.15 -13.02 26.02
N LEU A 323 -5.84 -13.07 24.72
CA LEU A 323 -5.69 -11.87 23.93
C LEU A 323 -7.02 -11.15 23.66
N GLU A 324 -8.15 -11.88 23.69
CA GLU A 324 -9.43 -11.24 23.42
C GLU A 324 -9.72 -10.11 24.43
N LYS A 325 -9.11 -10.14 25.62
CA LYS A 325 -9.33 -9.07 26.57
C LYS A 325 -8.65 -7.78 26.18
N PHE A 326 -7.86 -7.73 25.10
CA PHE A 326 -7.06 -6.56 24.77
C PHE A 326 -7.35 -6.04 23.36
N PRO A 327 -8.42 -5.25 23.17
CA PRO A 327 -8.74 -4.77 21.82
C PRO A 327 -7.65 -3.90 21.19
N GLU A 328 -6.70 -3.40 22.00
CA GLU A 328 -5.66 -2.55 21.43
C GLU A 328 -4.76 -3.37 20.52
N THR A 329 -4.75 -4.69 20.68
CA THR A 329 -4.05 -5.56 19.76
C THR A 329 -5.02 -6.31 18.86
N THR A 330 -6.08 -6.91 19.42
CA THR A 330 -6.93 -7.71 18.53
C THR A 330 -7.68 -6.85 17.52
N GLY A 331 -7.84 -5.54 17.75
CA GLY A 331 -8.49 -4.64 16.83
C GLY A 331 -7.53 -3.78 16.09
N CYS A 332 -6.22 -3.98 16.20
CA CYS A 332 -5.20 -3.29 15.45
C CYS A 332 -5.18 -3.81 14.00
N ARG A 333 -5.96 -3.15 13.16
CA ARG A 333 -6.09 -3.52 11.77
C ARG A 333 -4.88 -3.15 10.91
N ARG A 334 -3.83 -2.59 11.50
CA ARG A 334 -2.56 -2.33 10.86
C ARG A 334 -1.46 -3.17 11.50
N GLY A 335 -1.82 -4.28 12.15
CA GLY A 335 -0.78 -5.18 12.66
C GLY A 335 -1.24 -6.62 12.71
N GLN A 336 -0.44 -7.48 13.31
CA GLN A 336 -0.75 -8.89 13.47
C GLN A 336 -0.48 -9.34 14.91
N ILE A 337 -0.95 -10.54 15.18
CA ILE A 337 -0.59 -11.31 16.37
C ILE A 337 -0.11 -12.67 15.86
N LYS A 338 1.13 -13.02 16.15
CA LYS A 338 1.65 -14.23 15.55
C LYS A 338 2.84 -14.74 16.34
N TYR A 339 2.97 -16.07 16.35
CA TYR A 339 4.23 -16.72 16.72
C TYR A 339 5.25 -16.61 15.59
N SER A 340 6.51 -16.39 15.95
CA SER A 340 7.60 -16.36 14.98
C SER A 340 8.77 -17.22 15.43
N ILE A 341 9.14 -18.17 14.58
CA ILE A 341 10.23 -19.12 14.85
C ILE A 341 11.35 -18.84 13.86
N MET A 342 12.58 -18.73 14.38
CA MET A 342 13.75 -18.41 13.58
C MET A 342 14.85 -19.42 13.98
N HIS A 343 15.53 -19.98 12.99
CA HIS A 343 16.54 -21.02 13.18
C HIS A 343 17.94 -20.48 12.92
N PRO A 344 18.99 -21.22 13.33
CA PRO A 344 20.36 -20.75 13.19
C PRO A 344 20.77 -20.51 11.75
N GLY A 345 21.70 -19.56 11.58
CA GLY A 345 22.09 -19.17 10.24
C GLY A 345 21.12 -18.25 9.54
N THR A 346 20.30 -17.51 10.28
CA THR A 346 19.33 -16.62 9.67
C THR A 346 19.80 -15.19 9.84
N HIS A 347 19.71 -14.43 8.75
CA HIS A 347 19.93 -12.98 8.79
C HIS A 347 18.76 -12.35 8.06
N VAL A 348 18.02 -11.51 8.77
CA VAL A 348 16.92 -10.76 8.20
C VAL A 348 17.53 -9.43 7.77
N TRP A 349 17.35 -9.08 6.50
CA TRP A 349 17.82 -7.82 5.97
C TRP A 349 17.31 -6.65 6.78
N PRO A 350 18.09 -5.59 6.94
CA PRO A 350 17.51 -4.31 7.39
C PRO A 350 16.25 -3.99 6.62
N HIS A 351 15.23 -3.59 7.33
CA HIS A 351 13.94 -3.28 6.70
C HIS A 351 13.07 -2.47 7.64
N THR A 352 12.01 -1.93 7.05
CA THR A 352 11.03 -1.10 7.71
C THR A 352 9.66 -1.70 7.45
N GLY A 353 8.78 -1.63 8.43
CA GLY A 353 7.38 -1.94 8.19
C GLY A 353 6.66 -0.81 7.46
N PRO A 354 5.40 -1.06 7.12
CA PRO A 354 4.70 -0.12 6.20
C PRO A 354 4.12 1.13 6.86
N THR A 355 3.92 1.12 8.18
CA THR A 355 3.05 2.10 8.83
C THR A 355 3.65 2.53 10.16
N ASN A 356 3.55 3.83 10.45
CA ASN A 356 3.93 4.29 11.78
C ASN A 356 2.78 4.18 12.80
N CYS A 357 1.68 3.52 12.41
CA CYS A 357 0.48 3.47 13.22
C CYS A 357 0.45 2.31 14.22
N ARG A 358 1.49 1.52 14.28
CA ARG A 358 1.55 0.39 15.20
C ARG A 358 2.87 0.42 15.94
N LEU A 359 2.84 -0.15 17.14
CA LEU A 359 4.05 -0.58 17.82
C LEU A 359 4.04 -2.10 17.89
N ARG A 360 5.22 -2.72 17.98
CA ARG A 360 5.38 -4.18 17.96
C ARG A 360 6.00 -4.65 19.25
N MET A 361 5.25 -5.48 19.97
CA MET A 361 5.74 -6.18 21.14
C MET A 361 6.26 -7.55 20.73
N HIS A 362 7.37 -7.96 21.35
CA HIS A 362 7.94 -9.29 21.22
C HIS A 362 8.00 -9.87 22.63
N LEU A 363 7.36 -11.02 22.85
CA LEU A 363 7.47 -11.81 24.07
C LEU A 363 8.42 -12.96 23.77
N GLY A 364 9.49 -13.08 24.56
CA GLY A 364 10.40 -14.20 24.40
C GLY A 364 9.79 -15.48 24.94
N LEU A 365 9.86 -16.53 24.13
CA LEU A 365 9.29 -17.83 24.49
C LEU A 365 10.35 -18.93 24.60
N VAL A 366 11.21 -19.06 23.60
CA VAL A 366 12.34 -19.99 23.64
C VAL A 366 13.50 -19.20 23.07
N ILE A 367 14.45 -18.84 23.95
CA ILE A 367 15.49 -17.91 23.56
C ILE A 367 16.83 -18.56 23.89
N PRO A 368 17.59 -18.99 22.90
CA PRO A 368 18.93 -19.51 23.22
C PRO A 368 19.74 -18.48 23.98
N LYS A 369 20.65 -18.99 24.84
CA LYS A 369 21.50 -18.11 25.63
C LYS A 369 22.33 -17.18 24.76
N GLU A 370 22.78 -17.65 23.59
CA GLU A 370 23.70 -16.90 22.76
C GLU A 370 23.24 -16.93 21.31
N GLY A 371 23.52 -15.85 20.59
CA GLY A 371 23.39 -15.84 19.14
C GLY A 371 22.21 -15.09 18.56
N CYS A 372 21.24 -14.68 19.37
CA CYS A 372 20.01 -14.08 18.84
C CYS A 372 19.98 -12.61 19.24
N LYS A 373 19.77 -11.75 18.25
CA LYS A 373 19.64 -10.34 18.58
C LYS A 373 18.88 -9.58 17.50
N ILE A 374 18.32 -8.45 17.92
CA ILE A 374 17.56 -7.56 17.04
C ILE A 374 18.03 -6.12 17.23
N ARG A 375 18.39 -5.48 16.12
CA ARG A 375 18.71 -4.06 16.11
C ARG A 375 17.51 -3.26 15.59
N CYS A 376 17.19 -2.17 16.27
CA CYS A 376 16.25 -1.19 15.76
C CYS A 376 16.92 0.18 15.80
N ALA A 377 16.95 0.84 14.64
CA ALA A 377 17.73 2.08 14.50
C ALA A 377 19.15 1.81 14.95
N ASN A 378 19.64 2.52 15.96
CA ASN A 378 21.02 2.29 16.38
C ASN A 378 21.15 1.45 17.64
N GLU A 379 20.06 1.07 18.29
CA GLU A 379 20.15 0.27 19.52
C GLU A 379 19.88 -1.19 19.18
N THR A 380 20.72 -2.08 19.72
CA THR A 380 20.58 -3.53 19.55
C THR A 380 20.27 -4.16 20.89
N LYS A 381 19.34 -5.12 20.88
CA LYS A 381 18.83 -5.73 22.10
C LYS A 381 18.67 -7.22 21.89
N THR A 382 18.49 -7.92 23.02
CA THR A 382 18.24 -9.35 23.03
C THR A 382 16.91 -9.64 23.72
N TRP A 383 16.33 -10.77 23.38
CA TRP A 383 15.12 -11.26 24.02
C TRP A 383 15.45 -11.99 25.30
N GLU A 384 14.42 -12.13 26.14
CA GLU A 384 14.48 -12.90 27.37
C GLU A 384 13.18 -13.68 27.48
N GLU A 385 13.29 -14.94 27.89
CA GLU A 385 12.10 -15.75 28.09
C GLU A 385 11.19 -15.14 29.12
N GLY A 386 9.94 -14.93 28.72
CA GLY A 386 8.92 -14.37 29.57
C GLY A 386 8.95 -12.88 29.73
N LYS A 387 9.69 -12.17 28.91
CA LYS A 387 9.81 -10.72 28.96
C LYS A 387 9.47 -10.15 27.60
N VAL A 388 8.84 -8.97 27.63
CA VAL A 388 8.43 -8.25 26.43
C VAL A 388 9.44 -7.16 26.12
N LEU A 389 9.81 -7.07 24.85
CA LEU A 389 10.46 -5.90 24.28
C LEU A 389 9.48 -5.21 23.34
N ILE A 390 9.59 -3.88 23.22
CA ILE A 390 8.67 -3.11 22.39
C ILE A 390 9.47 -2.19 21.50
N PHE A 391 9.13 -2.16 20.23
CA PHE A 391 9.84 -1.29 19.29
C PHE A 391 8.87 -0.87 18.23
N ASP A 392 9.22 0.23 17.57
CA ASP A 392 8.43 0.80 16.48
C ASP A 392 9.04 0.29 15.19
N ASP A 393 8.41 -0.72 14.59
CA ASP A 393 9.01 -1.35 13.40
C ASP A 393 8.88 -0.49 12.13
N SER A 394 8.35 0.72 12.22
CA SER A 394 8.50 1.66 11.11
C SER A 394 9.93 2.21 11.03
N PHE A 395 10.72 2.02 12.07
CA PHE A 395 12.15 2.30 12.05
C PHE A 395 12.89 1.10 11.48
N GLU A 396 13.95 1.38 10.74
CA GLU A 396 14.76 0.29 10.19
C GLU A 396 15.23 -0.65 11.30
N HIS A 397 15.05 -1.95 11.08
CA HIS A 397 15.49 -2.96 12.04
C HIS A 397 15.97 -4.21 11.31
N GLU A 398 16.73 -5.03 12.05
CA GLU A 398 17.53 -6.10 11.51
C GLU A 398 17.60 -7.21 12.54
N VAL A 399 17.66 -8.45 12.10
CA VAL A 399 17.64 -9.56 13.04
C VAL A 399 18.67 -10.61 12.66
N TRP A 400 19.33 -11.17 13.67
CA TRP A 400 20.27 -12.25 13.48
C TRP A 400 19.93 -13.45 14.37
N GLN A 401 20.15 -14.65 13.83
CA GLN A 401 19.98 -15.92 14.52
C GLN A 401 21.22 -16.76 14.24
N ASP A 402 22.13 -16.84 15.20
CA ASP A 402 23.28 -17.73 15.08
C ASP A 402 23.49 -18.59 16.33
N ALA A 403 22.40 -19.02 16.96
CA ALA A 403 22.47 -19.96 18.07
C ALA A 403 22.73 -21.37 17.51
N SER A 404 22.54 -22.38 18.35
CA SER A 404 22.63 -23.79 17.94
C SER A 404 21.29 -24.51 18.02
N SER A 405 20.19 -23.77 18.15
CA SER A 405 18.86 -24.33 18.30
C SER A 405 17.88 -23.20 17.99
N PHE A 406 16.60 -23.54 17.89
CA PHE A 406 15.60 -22.60 17.41
C PHE A 406 15.32 -21.49 18.43
N ARG A 407 14.74 -20.40 17.94
CA ARG A 407 14.34 -19.24 18.74
C ARG A 407 12.89 -18.93 18.43
N LEU A 408 12.05 -18.98 19.44
CA LEU A 408 10.61 -18.75 19.32
C LEU A 408 10.23 -17.52 20.10
N ILE A 409 9.54 -16.59 19.44
CA ILE A 409 8.97 -15.42 20.07
C ILE A 409 7.48 -15.36 19.70
N PHE A 410 6.77 -14.48 20.40
CA PHE A 410 5.38 -14.12 20.16
C PHE A 410 5.27 -12.63 19.88
N ILE A 411 4.68 -12.28 18.75
CA ILE A 411 4.65 -10.91 18.24
C ILE A 411 3.23 -10.39 18.41
N VAL A 412 3.10 -9.25 19.06
CA VAL A 412 1.79 -8.66 19.37
C VAL A 412 1.89 -7.20 18.97
N ASP A 413 1.15 -6.82 17.91
CA ASP A 413 1.09 -5.44 17.42
C ASP A 413 -0.01 -4.69 18.13
N VAL A 414 0.27 -3.45 18.53
CA VAL A 414 -0.74 -2.60 19.14
C VAL A 414 -0.82 -1.32 18.32
N TRP A 415 -2.00 -0.67 18.35
CA TRP A 415 -2.12 0.68 17.83
C TRP A 415 -1.15 1.61 18.55
N HIS A 416 -0.50 2.48 17.79
CA HIS A 416 0.24 3.59 18.37
C HIS A 416 -0.67 4.23 19.41
N PRO A 417 -0.17 4.42 20.64
CA PRO A 417 -1.05 4.85 21.75
C PRO A 417 -1.68 6.21 21.57
N GLU A 418 -1.10 7.09 20.75
CA GLU A 418 -1.65 8.43 20.57
C GLU A 418 -2.75 8.46 19.53
N LEU A 419 -3.11 7.34 18.94
CA LEU A 419 -4.18 7.32 17.94
C LEU A 419 -5.51 7.36 18.65
N THR A 420 -6.41 8.21 18.17
CA THR A 420 -7.71 8.36 18.78
C THR A 420 -8.63 7.19 18.42
N PRO A 421 -9.66 6.99 19.21
CA PRO A 421 -10.64 5.94 18.86
C PRO A 421 -11.21 6.06 17.46
N GLN A 422 -11.49 7.27 16.95
CA GLN A 422 -12.01 7.36 15.60
C GLN A 422 -10.93 6.99 14.57
N GLN A 423 -9.68 7.43 14.81
CA GLN A 423 -8.56 6.99 13.99
C GLN A 423 -8.46 5.48 13.96
N ARG A 424 -8.52 4.84 15.12
CA ARG A 424 -8.41 3.38 15.16
C ARG A 424 -9.61 2.73 14.49
N ARG A 425 -10.74 3.41 14.41
CA ARG A 425 -11.88 2.81 13.75
C ARG A 425 -11.87 3.05 12.24
N SER A 426 -11.18 4.08 11.75
CA SER A 426 -11.34 4.52 10.38
C SER A 426 -10.15 4.20 9.48
N LEU A 427 -8.93 4.23 10.00
CA LEU A 427 -7.76 4.02 9.16
C LEU A 427 -7.95 2.77 8.31
N PRO A 428 -7.58 2.80 7.03
CA PRO A 428 -7.68 1.57 6.21
C PRO A 428 -6.76 0.51 6.79
N ALA A 429 -7.23 -0.74 6.77
CA ALA A 429 -6.42 -1.87 7.23
C ALA A 429 -5.18 -2.05 6.38
N ILE A 430 -4.10 -2.48 7.04
CA ILE A 430 -2.85 -2.82 6.38
C ILE A 430 -2.45 -4.22 6.85
N GLY B 14 -1.98 -9.78 -2.18
CA GLY B 14 -0.73 -9.76 -1.45
C GLY B 14 -0.66 -8.62 -0.44
N LYS B 15 -0.28 -8.90 0.80
CA LYS B 15 -0.40 -7.92 1.86
C LYS B 15 0.96 -7.53 2.44
N CYS B 16 1.00 -6.29 2.97
CA CYS B 16 2.19 -5.72 3.58
C CYS B 16 2.12 -6.04 5.07
N LYS B 17 2.87 -7.05 5.51
CA LYS B 17 2.75 -7.48 6.88
C LYS B 17 3.94 -6.96 7.68
N ASP B 18 5.13 -7.49 7.36
CA ASP B 18 6.37 -7.05 8.00
C ASP B 18 7.08 -6.00 7.19
N GLY B 19 6.84 -5.95 5.88
CA GLY B 19 7.57 -5.09 5.02
C GLY B 19 6.72 -4.25 4.12
N LEU B 20 7.37 -3.61 3.16
CA LEU B 20 6.74 -2.63 2.30
C LEU B 20 6.92 -3.00 0.85
N GLY B 21 6.68 -4.27 0.51
CA GLY B 21 7.06 -4.76 -0.79
C GLY B 21 6.03 -4.70 -1.90
N GLU B 22 4.76 -4.48 -1.56
CA GLU B 22 3.72 -4.38 -2.57
C GLU B 22 3.63 -2.95 -3.08
N TYR B 23 3.06 -2.79 -4.28
CA TYR B 23 2.98 -1.46 -4.86
C TYR B 23 2.09 -0.56 -4.03
N THR B 24 0.99 -1.11 -3.49
CA THR B 24 0.13 -0.42 -2.55
C THR B 24 -0.25 -1.41 -1.46
N CYS B 25 -0.40 -0.91 -0.25
CA CYS B 25 -0.64 -1.77 0.90
C CYS B 25 -2.07 -1.69 1.42
N THR B 26 -2.86 -0.75 0.94
CA THR B 26 -4.24 -0.60 1.34
C THR B 26 -5.16 -0.85 0.17
N SER B 27 -6.44 -0.99 0.49
CA SER B 27 -7.50 -0.94 -0.52
C SER B 27 -8.33 0.30 -0.27
N LEU B 28 -8.56 1.09 -1.31
CA LEU B 28 -9.31 2.33 -1.17
C LEU B 28 -10.80 2.06 -1.34
N GLU B 29 -11.62 2.95 -0.77
CA GLU B 29 -13.07 2.91 -0.93
C GLU B 29 -13.62 4.33 -0.99
N GLY B 30 -13.02 5.14 -1.85
CA GLY B 30 -13.61 6.45 -2.15
C GLY B 30 -13.52 7.42 -0.97
N PHE B 31 -14.63 8.13 -0.73
CA PHE B 31 -14.66 9.23 0.22
C PHE B 31 -14.69 8.69 1.65
#